data_4F3M
#
_entry.id   4F3M
#
_cell.length_a   86.509
_cell.length_b   46.687
_cell.length_c   129.030
_cell.angle_alpha   90.00
_cell.angle_beta   104.01
_cell.angle_gamma   90.00
#
_symmetry.space_group_name_H-M   'C 1 2 1'
#
loop_
_entity.id
_entity.type
_entity.pdbx_description
1 polymer 'BH0337 protein'
2 non-polymer 1,2-ETHANEDIOL
3 non-polymer 'SULFATE ION'
4 water water
#
_entity_poly.entity_id   1
_entity_poly.type   'polypeptide(L)'
_entity_poly.pdbx_seq_one_letter_code
;GSMRNEVQFELFGDYALFTDPLTKIGGEKLSYSVPTYQALKGIAESIYWKPTIVFVIDELRVMKPIQMESKGVRPIEYGG
GNTLAHYTYLKDVHYQVKAHFEFNLHRPDLAFDRNEGKHYSILQRSLKAGGRRDIFLGARECQGYVAPCEFGSGDGFYDG
QGKYHLGTMVHGFNYPDETGQHQLDVRLWSAVMENGYIQFPRPEDCPIVRPVKEMEPKIFNPDNVQSAEQLLHDLGGE
;
_entity_poly.pdbx_strand_id   A,B
#
# COMPACT_ATOMS: atom_id res chain seq x y z
N ARG A 4 14.15 -13.64 -30.15
CA ARG A 4 12.91 -14.05 -29.39
C ARG A 4 13.23 -14.67 -28.01
N ASN A 5 12.89 -13.89 -26.97
CA ASN A 5 13.04 -14.33 -25.60
C ASN A 5 11.89 -13.82 -24.74
N GLU A 6 10.84 -13.32 -25.40
CA GLU A 6 9.71 -12.74 -24.72
C GLU A 6 8.57 -13.76 -24.46
N VAL A 7 7.81 -13.51 -23.41
CA VAL A 7 6.60 -14.33 -23.18
C VAL A 7 5.49 -13.36 -22.72
N GLN A 8 4.39 -13.35 -23.45
CA GLN A 8 3.19 -12.60 -23.11
C GLN A 8 2.09 -13.60 -22.73
N PHE A 9 1.56 -13.47 -21.51
CA PHE A 9 0.52 -14.39 -21.05
C PHE A 9 -0.54 -13.69 -20.29
N GLU A 10 -1.72 -14.33 -20.18
CA GLU A 10 -2.74 -13.84 -19.21
C GLU A 10 -2.86 -14.81 -18.05
N LEU A 11 -3.36 -14.30 -16.92
CA LEU A 11 -3.37 -15.02 -15.67
C LEU A 11 -4.73 -14.81 -15.01
N PHE A 12 -5.45 -15.90 -14.73
CA PHE A 12 -6.80 -15.85 -14.09
C PHE A 12 -6.81 -16.50 -12.74
N GLY A 13 -7.62 -15.96 -11.81
CA GLY A 13 -7.83 -16.58 -10.50
C GLY A 13 -9.14 -16.08 -9.89
N ASP A 14 -9.89 -16.99 -9.26
CA ASP A 14 -11.08 -16.59 -8.56
C ASP A 14 -10.71 -15.84 -7.31
N TYR A 15 -9.57 -16.20 -6.70
CA TYR A 15 -9.01 -15.51 -5.54
C TYR A 15 -7.50 -15.37 -5.70
N ALA A 16 -6.93 -14.38 -4.99
CA ALA A 16 -5.49 -14.27 -4.87
C ALA A 16 -5.10 -13.76 -3.51
N LEU A 17 -3.89 -14.07 -3.05
CA LEU A 17 -3.45 -13.52 -1.76
C LEU A 17 -1.92 -13.22 -1.91
N PHE A 18 -1.61 -11.97 -2.21
CA PHE A 18 -0.21 -11.50 -2.33
C PHE A 18 0.10 -10.75 -1.04
N THR A 19 0.62 -11.47 -0.04
CA THR A 19 0.55 -10.95 1.32
C THR A 19 1.33 -9.68 1.50
N ASP A 20 0.65 -8.68 2.04
CA ASP A 20 1.28 -7.40 2.41
C ASP A 20 1.95 -7.71 3.77
N PRO A 21 3.26 -7.69 3.82
CA PRO A 21 3.94 -8.13 5.08
C PRO A 21 3.64 -7.28 6.30
N LEU A 22 3.27 -6.00 6.13
CA LEU A 22 2.88 -5.20 7.33
C LEU A 22 1.63 -5.70 8.05
N THR A 23 0.84 -6.52 7.36
CA THR A 23 -0.44 -7.00 7.91
C THR A 23 -0.39 -8.33 8.61
N LYS A 24 0.77 -8.95 8.62
CA LYS A 24 0.97 -10.20 9.34
C LYS A 24 1.00 -10.07 10.87
N ILE A 25 -0.18 -9.95 11.50
CA ILE A 25 -0.27 -9.79 12.97
C ILE A 25 -1.62 -10.29 13.49
N GLY A 26 -1.62 -10.92 14.65
CA GLY A 26 -2.59 -11.98 14.87
C GLY A 26 -2.19 -12.95 13.76
N GLY A 27 -2.90 -14.06 13.63
CA GLY A 27 -2.62 -14.94 12.52
C GLY A 27 -3.27 -14.45 11.25
N GLU A 28 -3.29 -13.13 11.02
CA GLU A 28 -4.00 -12.61 9.82
C GLU A 28 -3.10 -12.16 8.69
N LYS A 29 -3.74 -11.90 7.55
CA LYS A 29 -3.04 -11.58 6.34
C LYS A 29 -4.03 -10.85 5.49
N LEU A 30 -3.58 -9.73 4.95
CA LEU A 30 -4.33 -8.98 3.92
C LEU A 30 -3.48 -8.98 2.65
N SER A 31 -4.13 -9.20 1.50
CA SER A 31 -3.49 -9.15 0.19
C SER A 31 -3.11 -7.71 -0.19
N TYR A 32 -2.01 -7.54 -0.91
CA TYR A 32 -1.71 -6.33 -1.61
C TYR A 32 -2.82 -6.19 -2.65
N SER A 33 -2.94 -4.98 -3.16
CA SER A 33 -3.95 -4.70 -4.21
C SER A 33 -3.65 -5.35 -5.56
N VAL A 34 -2.40 -5.70 -5.81
CA VAL A 34 -1.91 -6.26 -7.10
C VAL A 34 -0.77 -7.22 -6.82
N PRO A 35 -0.40 -8.11 -7.82
CA PRO A 35 0.73 -9.03 -7.60
C PRO A 35 2.06 -8.26 -7.44
N THR A 36 2.97 -8.86 -6.69
CA THR A 36 4.34 -8.38 -6.64
C THR A 36 5.18 -8.93 -7.82
N TYR A 37 6.27 -8.23 -8.11
CA TYR A 37 7.19 -8.69 -9.12
C TYR A 37 7.57 -10.14 -8.85
N GLN A 38 8.00 -10.44 -7.61
CA GLN A 38 8.41 -11.78 -7.30
C GLN A 38 7.28 -12.84 -7.52
N ALA A 39 6.03 -12.48 -7.19
CA ALA A 39 4.91 -13.43 -7.35
C ALA A 39 4.75 -13.78 -8.84
N LEU A 40 4.90 -12.77 -9.73
CA LEU A 40 4.75 -13.00 -11.14
C LEU A 40 5.91 -13.77 -11.73
N LYS A 41 7.12 -13.55 -11.17
CA LYS A 41 8.30 -14.31 -11.56
C LYS A 41 8.07 -15.80 -11.20
N GLY A 42 7.52 -16.10 -10.02
CA GLY A 42 7.17 -17.49 -9.59
C GLY A 42 6.22 -18.16 -10.53
N ILE A 43 5.23 -17.40 -10.95
CA ILE A 43 4.23 -17.91 -11.91
C ILE A 43 4.84 -18.21 -13.33
N ALA A 44 5.62 -17.30 -13.90
CA ALA A 44 6.36 -17.58 -15.13
C ALA A 44 7.21 -18.81 -14.94
N GLU A 45 7.83 -19.00 -13.77
CA GLU A 45 8.64 -20.18 -13.61
C GLU A 45 7.78 -21.47 -13.61
N SER A 46 6.50 -21.35 -13.24
CA SER A 46 5.58 -22.47 -13.25
C SER A 46 5.25 -22.92 -14.65
N ILE A 47 5.40 -22.02 -15.61
CA ILE A 47 5.12 -22.35 -17.00
C ILE A 47 6.23 -23.26 -17.52
N TYR A 48 7.47 -22.78 -17.35
CA TYR A 48 8.69 -23.48 -17.80
C TYR A 48 9.88 -22.83 -17.14
N TRP A 49 10.81 -23.64 -16.58
CA TRP A 49 12.04 -23.05 -16.07
C TRP A 49 13.17 -24.04 -16.03
N LYS A 50 14.38 -23.53 -16.27
CA LYS A 50 15.65 -24.23 -16.11
C LYS A 50 16.65 -23.29 -15.56
N PRO A 51 17.58 -23.77 -14.69
CA PRO A 51 18.52 -22.84 -14.06
C PRO A 51 19.47 -22.14 -15.08
N THR A 52 19.48 -22.57 -16.34
CA THR A 52 20.18 -21.82 -17.39
C THR A 52 19.69 -20.37 -17.55
N ILE A 53 18.43 -20.12 -17.24
CA ILE A 53 17.80 -18.88 -17.56
C ILE A 53 17.22 -18.20 -16.28
N VAL A 54 16.91 -16.95 -16.41
CA VAL A 54 16.27 -16.20 -15.33
C VAL A 54 15.14 -15.36 -15.95
N PHE A 55 13.98 -15.33 -15.30
CA PHE A 55 12.88 -14.50 -15.85
C PHE A 55 12.98 -13.05 -15.31
N VAL A 56 12.62 -12.08 -16.15
CA VAL A 56 12.49 -10.71 -15.73
C VAL A 56 11.10 -10.27 -16.13
N ILE A 57 10.31 -9.77 -15.16
CA ILE A 57 8.98 -9.28 -15.51
C ILE A 57 9.09 -7.85 -15.92
N ASP A 58 8.53 -7.56 -17.10
CA ASP A 58 8.60 -6.18 -17.62
C ASP A 58 7.41 -5.36 -17.22
N GLU A 59 6.22 -5.90 -17.50
CA GLU A 59 4.97 -5.15 -17.30
C GLU A 59 3.82 -6.04 -16.84
N LEU A 60 2.89 -5.43 -16.08
CA LEU A 60 1.64 -6.07 -15.65
C LEU A 60 0.47 -5.17 -16.04
N ARG A 61 -0.61 -5.74 -16.50
CA ARG A 61 -1.84 -5.02 -16.76
C ARG A 61 -2.95 -5.66 -15.94
N VAL A 62 -3.61 -4.84 -15.11
CA VAL A 62 -4.70 -5.30 -14.18
C VAL A 62 -6.03 -5.12 -14.97
N MET A 63 -6.69 -6.24 -15.33
CA MET A 63 -7.86 -6.24 -16.25
C MET A 63 -9.20 -6.14 -15.49
N LYS A 64 -9.21 -6.54 -14.21
CA LYS A 64 -10.50 -6.48 -13.46
C LYS A 64 -10.40 -5.54 -12.28
N PRO A 65 -11.54 -4.94 -11.85
CA PRO A 65 -11.51 -3.96 -10.71
C PRO A 65 -10.92 -4.68 -9.46
N ILE A 66 -10.03 -4.01 -8.73
CA ILE A 66 -9.51 -4.52 -7.48
C ILE A 66 -10.65 -4.66 -6.46
N GLN A 67 -10.77 -5.85 -5.86
CA GLN A 67 -11.81 -6.03 -4.83
C GLN A 67 -11.37 -7.07 -3.87
N MET A 68 -11.78 -6.89 -2.62
CA MET A 68 -11.27 -7.70 -1.53
C MET A 68 -12.44 -8.46 -0.90
N GLU A 69 -12.11 -9.59 -0.29
CA GLU A 69 -13.12 -10.38 0.43
C GLU A 69 -12.47 -11.06 1.61
N SER A 70 -13.02 -10.91 2.83
CA SER A 70 -12.49 -11.58 4.03
C SER A 70 -13.06 -13.01 4.16
N LYS A 71 -12.27 -13.95 4.68
CA LYS A 71 -12.66 -15.34 4.74
C LYS A 71 -12.07 -15.85 6.03
N GLY A 72 -12.81 -16.71 6.74
CA GLY A 72 -12.26 -17.41 7.90
C GLY A 72 -11.45 -18.58 7.42
N VAL A 73 -10.26 -18.82 8.01
CA VAL A 73 -9.39 -19.86 7.51
C VAL A 73 -8.67 -20.49 8.65
N ARG A 74 -8.08 -21.64 8.40
CA ARG A 74 -7.10 -22.22 9.37
C ARG A 74 -5.69 -22.27 8.73
N PRO A 75 -4.81 -21.31 9.09
CA PRO A 75 -3.44 -21.32 8.57
C PRO A 75 -2.76 -22.67 8.79
N ILE A 76 -2.01 -23.14 7.81
CA ILE A 76 -1.24 -24.38 7.99
C ILE A 76 0.14 -23.97 8.49
N GLU A 77 0.52 -24.44 9.67
CA GLU A 77 1.91 -24.27 10.14
C GLU A 77 2.21 -25.15 11.36
N TYR A 78 3.47 -25.52 11.53
CA TYR A 78 3.90 -26.43 12.60
C TYR A 78 3.64 -25.90 14.02
N GLY A 79 2.94 -26.72 14.81
CA GLY A 79 2.56 -26.39 16.19
C GLY A 79 1.18 -25.74 16.32
N GLY A 80 0.69 -25.19 15.21
CA GLY A 80 -0.58 -24.41 15.18
C GLY A 80 -1.85 -25.18 15.51
N GLY A 81 -2.89 -24.45 15.85
CA GLY A 81 -4.12 -25.04 16.34
C GLY A 81 -4.89 -23.90 16.95
N ASN A 82 -4.46 -22.67 16.58
CA ASN A 82 -4.91 -21.41 17.23
C ASN A 82 -6.03 -20.69 16.53
N THR A 83 -6.25 -21.06 15.29
CA THR A 83 -7.22 -20.38 14.44
C THR A 83 -8.66 -20.55 15.01
N LEU A 84 -9.70 -20.04 14.34
CA LEU A 84 -9.67 -19.52 12.98
C LEU A 84 -9.13 -18.10 12.92
N ALA A 85 -8.59 -17.74 11.75
CA ALA A 85 -8.01 -16.46 11.53
C ALA A 85 -8.84 -15.91 10.41
N HIS A 86 -8.66 -14.64 10.13
CA HIS A 86 -9.36 -14.07 8.98
C HIS A 86 -8.35 -13.53 8.03
N TYR A 87 -8.40 -13.99 6.79
CA TYR A 87 -7.54 -13.51 5.74
C TYR A 87 -8.36 -12.70 4.76
N THR A 88 -7.78 -11.65 4.21
CA THR A 88 -8.49 -10.87 3.16
C THR A 88 -7.84 -11.13 1.80
N TYR A 89 -8.62 -11.73 0.90
CA TYR A 89 -8.19 -12.11 -0.41
C TYR A 89 -8.62 -11.12 -1.47
N LEU A 90 -7.80 -10.93 -2.51
CA LEU A 90 -8.28 -10.35 -3.80
C LEU A 90 -9.36 -11.28 -4.40
N LYS A 91 -10.37 -10.74 -5.12
CA LYS A 91 -11.41 -11.60 -5.59
C LYS A 91 -11.59 -11.33 -7.06
N ASP A 92 -11.70 -12.42 -7.85
CA ASP A 92 -11.98 -12.32 -9.31
C ASP A 92 -10.91 -11.46 -10.08
N VAL A 93 -9.70 -11.99 -10.22
CA VAL A 93 -8.59 -11.26 -10.83
C VAL A 93 -8.25 -11.84 -12.21
N HIS A 94 -7.74 -10.95 -13.08
CA HIS A 94 -7.29 -11.29 -14.40
C HIS A 94 -6.22 -10.33 -14.75
N TYR A 95 -5.06 -10.84 -15.13
CA TYR A 95 -3.93 -9.99 -15.46
C TYR A 95 -3.41 -10.37 -16.86
N GLN A 96 -2.79 -9.39 -17.54
CA GLN A 96 -1.90 -9.66 -18.68
C GLN A 96 -0.48 -9.40 -18.15
N VAL A 97 0.45 -10.23 -18.59
CA VAL A 97 1.87 -10.11 -18.11
C VAL A 97 2.82 -10.16 -19.29
N LYS A 98 3.77 -9.24 -19.31
CA LYS A 98 4.87 -9.19 -20.32
C LYS A 98 6.17 -9.44 -19.62
N ALA A 99 6.86 -10.51 -20.00
CA ALA A 99 8.12 -10.85 -19.34
C ALA A 99 9.10 -11.34 -20.42
N HIS A 100 10.35 -11.63 -20.04
CA HIS A 100 11.29 -12.23 -20.95
C HIS A 100 12.34 -13.00 -20.11
N PHE A 101 13.11 -13.88 -20.75
CA PHE A 101 14.21 -14.51 -20.01
C PHE A 101 15.56 -13.96 -20.46
N GLU A 102 16.55 -14.14 -19.58
CA GLU A 102 17.96 -13.78 -19.85
C GLU A 102 18.77 -14.97 -19.35
N PHE A 103 20.05 -15.05 -19.70
CA PHE A 103 20.87 -16.16 -19.27
C PHE A 103 21.35 -15.87 -17.86
N ASN A 104 21.42 -16.91 -17.06
CA ASN A 104 21.80 -16.79 -15.69
C ASN A 104 23.34 -16.83 -15.62
N LEU A 105 23.93 -15.63 -15.50
CA LEU A 105 25.42 -15.48 -15.49
C LEU A 105 26.08 -15.93 -14.17
N HIS A 106 25.27 -16.21 -13.16
CA HIS A 106 25.76 -16.84 -11.95
C HIS A 106 25.91 -18.35 -12.10
N ARG A 107 25.57 -18.91 -13.28
CA ARG A 107 25.86 -20.33 -13.56
C ARG A 107 26.80 -20.56 -14.76
N PRO A 108 28.10 -20.27 -14.58
CA PRO A 108 29.09 -20.43 -15.63
C PRO A 108 29.11 -21.82 -16.23
N ASP A 109 28.70 -22.82 -15.47
CA ASP A 109 28.76 -24.22 -15.90
C ASP A 109 27.66 -24.55 -16.87
N LEU A 110 26.72 -23.62 -17.00
CA LEU A 110 25.60 -23.83 -17.92
C LEU A 110 25.72 -23.08 -19.21
N ALA A 111 26.88 -22.45 -19.42
CA ALA A 111 27.08 -21.70 -20.68
C ALA A 111 26.73 -22.47 -21.96
N PHE A 112 26.96 -23.81 -22.00
CA PHE A 112 26.67 -24.66 -23.20
C PHE A 112 25.18 -24.68 -23.55
N ASP A 113 24.32 -24.36 -22.56
CA ASP A 113 22.87 -24.51 -22.65
C ASP A 113 22.16 -23.17 -22.99
N ARG A 114 22.95 -22.11 -23.17
CA ARG A 114 22.44 -20.78 -23.34
C ARG A 114 22.00 -20.59 -24.81
N ASN A 115 20.82 -21.11 -25.09
CA ASN A 115 20.33 -21.19 -26.47
C ASN A 115 18.94 -20.61 -26.47
N GLU A 116 18.80 -19.41 -27.00
CA GLU A 116 17.45 -18.80 -27.02
C GLU A 116 16.42 -19.59 -27.79
N GLY A 117 16.78 -20.19 -28.93
CA GLY A 117 15.78 -20.93 -29.71
C GLY A 117 15.22 -22.13 -28.94
N LYS A 118 16.06 -22.82 -28.15
CA LYS A 118 15.67 -23.99 -27.37
C LYS A 118 14.73 -23.49 -26.29
N HIS A 119 15.20 -22.55 -25.47
CA HIS A 119 14.33 -22.12 -24.33
C HIS A 119 13.04 -21.41 -24.73
N TYR A 120 13.14 -20.54 -25.71
CA TYR A 120 11.92 -19.89 -26.25
C TYR A 120 10.89 -20.86 -26.79
N SER A 121 11.31 -21.78 -27.65
CA SER A 121 10.35 -22.75 -28.25
C SER A 121 9.71 -23.62 -27.15
N ILE A 122 10.49 -24.08 -26.14
CA ILE A 122 9.90 -24.91 -25.14
C ILE A 122 8.98 -24.08 -24.24
N LEU A 123 9.36 -22.83 -23.93
CA LEU A 123 8.57 -21.95 -23.13
C LEU A 123 7.25 -21.65 -23.81
N GLN A 124 7.31 -21.37 -25.12
CA GLN A 124 6.06 -21.07 -25.92
C GLN A 124 5.18 -22.35 -26.02
N ARG A 125 5.79 -23.51 -26.23
CA ARG A 125 4.97 -24.73 -26.31
C ARG A 125 4.30 -25.01 -24.97
N SER A 126 5.06 -24.85 -23.86
CA SER A 126 4.53 -25.06 -22.54
C SER A 126 3.40 -24.06 -22.28
N LEU A 127 3.55 -22.80 -22.69
CA LEU A 127 2.48 -21.81 -22.47
C LEU A 127 1.18 -22.16 -23.17
N LYS A 128 1.29 -22.62 -24.43
CA LYS A 128 0.09 -23.02 -25.23
C LYS A 128 -0.69 -24.17 -24.51
N ALA A 129 0.03 -24.91 -23.67
CA ALA A 129 -0.58 -26.00 -22.93
C ALA A 129 -1.03 -25.60 -21.53
N GLY A 130 -0.76 -24.36 -21.12
CA GLY A 130 -1.18 -23.87 -19.85
C GLY A 130 -0.12 -24.14 -18.76
N GLY A 131 1.10 -24.46 -19.18
CA GLY A 131 2.24 -24.54 -18.27
C GLY A 131 2.45 -25.90 -17.70
N ARG A 132 3.60 -26.09 -17.10
CA ARG A 132 4.02 -27.39 -16.63
C ARG A 132 3.66 -27.71 -15.23
N ARG A 133 3.54 -26.66 -14.40
CA ARG A 133 3.22 -26.81 -12.98
C ARG A 133 1.95 -26.03 -12.63
N ASP A 134 1.39 -26.35 -11.46
CA ASP A 134 0.18 -25.68 -11.00
C ASP A 134 0.50 -24.21 -10.82
N ILE A 135 -0.52 -23.38 -11.09
CA ILE A 135 -0.46 -21.96 -11.00
C ILE A 135 -1.17 -21.51 -9.74
N PHE A 136 -0.41 -20.93 -8.81
CA PHE A 136 -0.99 -20.40 -7.60
C PHE A 136 -0.75 -18.91 -7.50
N LEU A 137 -1.80 -18.17 -7.05
CA LEU A 137 -1.74 -16.68 -6.98
C LEU A 137 -1.46 -16.26 -5.54
N GLY A 138 -0.21 -16.49 -5.11
CA GLY A 138 0.23 -16.03 -3.78
C GLY A 138 0.00 -17.01 -2.65
N ALA A 139 -0.81 -18.05 -2.88
CA ALA A 139 -1.04 -19.05 -1.83
C ALA A 139 -1.57 -20.32 -2.45
N ARG A 140 -1.37 -21.45 -1.76
CA ARG A 140 -1.91 -22.75 -2.27
C ARG A 140 -3.44 -22.78 -2.46
N GLU A 141 -4.19 -22.01 -1.66
CA GLU A 141 -5.63 -22.11 -1.66
C GLU A 141 -6.10 -21.26 -2.79
N CYS A 142 -5.19 -20.56 -3.48
CA CYS A 142 -5.61 -19.65 -4.62
C CYS A 142 -5.06 -20.19 -5.94
N GLN A 143 -5.56 -21.33 -6.39
CA GLN A 143 -5.14 -21.88 -7.68
C GLN A 143 -5.85 -21.15 -8.83
N GLY A 144 -5.09 -20.87 -9.87
CA GLY A 144 -5.70 -20.28 -11.08
C GLY A 144 -5.09 -20.92 -12.35
N TYR A 145 -4.95 -20.15 -13.43
CA TYR A 145 -4.33 -20.72 -14.69
C TYR A 145 -3.79 -19.61 -15.56
N VAL A 146 -2.99 -20.02 -16.52
CA VAL A 146 -2.35 -19.12 -17.47
C VAL A 146 -2.73 -19.51 -18.89
N ALA A 147 -2.62 -18.54 -19.78
CA ALA A 147 -2.89 -18.76 -21.23
C ALA A 147 -2.04 -17.78 -22.12
N PRO A 148 -1.77 -18.15 -23.39
CA PRO A 148 -1.13 -17.18 -24.26
C PRO A 148 -2.05 -16.01 -24.45
N CYS A 149 -1.46 -14.83 -24.54
CA CYS A 149 -2.29 -13.58 -24.69
C CYS A 149 -1.43 -12.48 -25.26
N GLU A 150 -1.92 -11.73 -26.27
CA GLU A 150 -1.17 -10.57 -26.73
C GLU A 150 -1.31 -9.44 -25.70
N PHE A 151 -0.18 -9.00 -25.15
CA PHE A 151 -0.14 -7.96 -24.12
C PHE A 151 -0.77 -6.69 -24.63
N GLY A 152 -1.77 -6.20 -23.90
CA GLY A 152 -2.43 -4.98 -24.29
C GLY A 152 -3.60 -5.18 -25.17
N SER A 153 -3.91 -6.45 -25.50
CA SER A 153 -5.09 -6.71 -26.36
C SER A 153 -6.37 -6.69 -25.51
N GLY A 154 -7.51 -6.34 -26.11
CA GLY A 154 -8.76 -6.41 -25.32
C GLY A 154 -8.96 -5.18 -24.42
N ASP A 155 -10.13 -5.08 -23.80
CA ASP A 155 -10.45 -3.94 -22.97
C ASP A 155 -10.34 -4.40 -21.54
N GLY A 156 -9.84 -3.51 -20.68
CA GLY A 156 -9.69 -3.80 -19.25
C GLY A 156 -10.30 -2.67 -18.45
N PHE A 157 -10.69 -3.02 -17.25
CA PHE A 157 -11.34 -2.11 -16.33
C PHE A 157 -10.63 -0.74 -16.13
N TYR A 158 -9.31 -0.73 -16.06
CA TYR A 158 -8.57 0.48 -15.74
C TYR A 158 -8.13 1.30 -16.98
N ASP A 159 -8.52 0.85 -18.18
CA ASP A 159 -8.35 1.65 -19.42
C ASP A 159 -8.76 3.07 -19.11
N GLY A 160 -7.86 4.02 -19.34
CA GLY A 160 -8.14 5.44 -19.18
C GLY A 160 -8.41 5.96 -17.77
N GLN A 161 -8.04 5.17 -16.77
CA GLN A 161 -8.31 5.55 -15.38
C GLN A 161 -7.14 6.31 -14.75
N GLY A 162 -6.15 6.71 -15.55
CA GLY A 162 -5.09 7.62 -15.07
C GLY A 162 -4.17 6.95 -14.02
N LYS A 163 -3.51 7.74 -13.20
CA LYS A 163 -2.41 7.18 -12.33
C LYS A 163 -2.95 6.78 -10.98
N TYR A 164 -2.69 5.53 -10.53
CA TYR A 164 -3.11 5.07 -9.18
C TYR A 164 -1.82 4.77 -8.41
N HIS A 165 -1.60 5.43 -7.27
CA HIS A 165 -0.42 5.25 -6.37
C HIS A 165 -0.73 4.18 -5.39
N LEU A 166 -0.25 2.98 -5.68
CA LEU A 166 -0.62 1.78 -4.94
C LEU A 166 0.27 1.66 -3.69
N GLY A 167 1.25 2.55 -3.58
CA GLY A 167 2.04 2.62 -2.34
C GLY A 167 3.31 1.78 -2.35
N THR A 168 4.01 1.72 -1.24
CA THR A 168 5.25 0.95 -1.18
C THR A 168 4.90 -0.54 -1.25
N MET A 169 5.63 -1.28 -2.05
CA MET A 169 5.37 -2.75 -2.19
C MET A 169 6.67 -3.47 -2.18
N VAL A 170 6.69 -4.70 -1.67
CA VAL A 170 7.80 -5.60 -1.87
C VAL A 170 7.92 -5.87 -3.37
N HIS A 171 9.14 -5.73 -3.89
CA HIS A 171 9.45 -6.08 -5.29
C HIS A 171 9.89 -7.52 -5.25
N GLY A 172 10.87 -7.91 -4.37
CA GLY A 172 11.20 -9.31 -4.38
C GLY A 172 12.34 -9.41 -3.43
N PHE A 173 13.05 -10.53 -3.48
CA PHE A 173 14.20 -10.76 -2.57
C PHE A 173 15.48 -11.03 -3.37
N ASN A 174 16.62 -10.62 -2.82
CA ASN A 174 17.90 -11.02 -3.32
C ASN A 174 18.43 -12.11 -2.43
N TYR A 175 18.68 -13.26 -3.05
CA TYR A 175 19.06 -14.48 -2.36
C TYR A 175 20.57 -14.78 -2.43
N PRO A 176 21.10 -15.45 -1.40
CA PRO A 176 22.50 -15.91 -1.39
C PRO A 176 22.73 -17.21 -2.18
N GLN A 181 24.93 -10.77 -2.34
CA GLN A 181 25.30 -12.18 -2.45
C GLN A 181 25.34 -12.95 -1.10
N HIS A 182 25.68 -12.28 0.00
CA HIS A 182 25.90 -12.98 1.31
C HIS A 182 24.78 -12.98 2.29
N GLN A 183 23.85 -12.04 2.16
CA GLN A 183 22.72 -11.99 3.08
C GLN A 183 21.44 -11.89 2.27
N LEU A 184 20.34 -12.32 2.89
CA LEU A 184 19.01 -12.18 2.30
C LEU A 184 18.63 -10.70 2.29
N ASP A 185 18.36 -10.12 1.11
CA ASP A 185 17.97 -8.72 1.08
C ASP A 185 16.53 -8.65 0.57
N VAL A 186 15.76 -7.68 1.06
CA VAL A 186 14.43 -7.34 0.45
C VAL A 186 14.52 -6.11 -0.44
N ARG A 187 13.78 -6.12 -1.55
CA ARG A 187 13.73 -4.97 -2.48
C ARG A 187 12.32 -4.41 -2.40
N LEU A 188 12.21 -3.08 -2.19
CA LEU A 188 10.92 -2.38 -2.20
C LEU A 188 10.91 -1.28 -3.30
N TRP A 189 9.73 -0.84 -3.70
CA TRP A 189 9.61 0.22 -4.63
C TRP A 189 8.27 0.81 -4.50
N SER A 190 8.04 1.97 -5.13
CA SER A 190 6.76 2.66 -5.03
C SER A 190 5.90 2.30 -6.23
N ALA A 191 4.95 1.37 -6.07
CA ALA A 191 4.22 0.81 -7.19
C ALA A 191 3.17 1.82 -7.69
N VAL A 192 3.19 2.04 -8.99
CA VAL A 192 2.25 2.98 -9.59
C VAL A 192 1.63 2.29 -10.78
N MET A 193 0.32 2.46 -10.99
CA MET A 193 -0.39 1.84 -12.11
C MET A 193 -0.97 3.00 -12.94
N GLU A 194 -0.77 2.97 -14.26
CA GLU A 194 -1.30 4.03 -15.09
C GLU A 194 -2.11 3.44 -16.17
N ASN A 195 -3.39 3.80 -16.18
CA ASN A 195 -4.35 3.25 -17.14
C ASN A 195 -4.33 1.72 -17.07
N GLY A 196 -4.12 1.18 -15.87
CA GLY A 196 -4.06 -0.28 -15.68
C GLY A 196 -2.71 -0.97 -15.85
N TYR A 197 -1.69 -0.23 -16.32
CA TYR A 197 -0.35 -0.79 -16.57
C TYR A 197 0.64 -0.46 -15.45
N ILE A 198 1.37 -1.48 -15.02
CA ILE A 198 2.45 -1.31 -14.04
C ILE A 198 3.75 -1.72 -14.76
N GLN A 199 4.72 -0.82 -14.80
CA GLN A 199 6.02 -1.09 -15.42
C GLN A 199 7.03 -1.29 -14.27
N PHE A 200 7.59 -2.49 -14.22
CA PHE A 200 8.55 -2.87 -13.11
C PHE A 200 9.95 -2.44 -13.41
N PRO A 201 10.65 -1.85 -12.40
CA PRO A 201 12.08 -1.69 -12.49
C PRO A 201 12.71 -3.12 -12.45
N ARG A 202 13.86 -3.30 -13.06
CA ARG A 202 14.69 -4.45 -12.87
C ARG A 202 15.14 -4.56 -11.40
N PRO A 203 15.36 -5.79 -10.93
CA PRO A 203 15.79 -5.98 -9.55
C PRO A 203 16.94 -5.04 -9.16
N GLU A 204 17.95 -4.88 -10.03
CA GLU A 204 19.17 -4.08 -9.66
C GLU A 204 18.87 -2.59 -9.51
N ASP A 205 17.75 -2.14 -10.09
CA ASP A 205 17.35 -0.73 -10.10
C ASP A 205 16.28 -0.37 -9.09
N CYS A 206 15.89 -1.29 -8.21
CA CYS A 206 14.94 -0.96 -7.13
C CYS A 206 15.53 0.11 -6.15
N PRO A 207 14.72 1.08 -5.76
CA PRO A 207 15.24 2.25 -5.03
C PRO A 207 15.63 1.89 -3.57
N ILE A 208 14.94 0.91 -2.98
CA ILE A 208 15.25 0.41 -1.63
C ILE A 208 15.62 -1.08 -1.63
N VAL A 209 16.82 -1.39 -1.12
CA VAL A 209 17.28 -2.76 -1.09
C VAL A 209 18.15 -2.93 0.14
N ARG A 210 17.67 -3.71 1.12
CA ARG A 210 18.39 -3.89 2.40
C ARG A 210 18.18 -5.28 2.96
N PRO A 211 19.21 -5.80 3.71
CA PRO A 211 19.11 -7.07 4.43
C PRO A 211 17.84 -7.10 5.26
N VAL A 212 17.05 -8.17 5.18
CA VAL A 212 15.84 -8.29 6.03
C VAL A 212 16.04 -8.18 7.56
N LYS A 213 17.23 -8.50 8.06
CA LYS A 213 17.49 -8.44 9.50
C LYS A 213 18.01 -7.05 9.90
N GLU A 216 13.44 -4.27 11.69
CA GLU A 216 13.54 -3.75 13.05
C GLU A 216 12.35 -2.84 13.46
N PRO A 217 11.80 -3.10 14.67
CA PRO A 217 10.71 -2.33 15.30
C PRO A 217 10.82 -0.77 15.27
N LYS A 218 12.05 -0.22 15.27
CA LYS A 218 12.28 1.24 15.35
C LYS A 218 11.93 2.03 14.08
N ILE A 219 11.85 1.37 12.93
CA ILE A 219 11.35 2.07 11.71
C ILE A 219 9.91 2.60 11.94
N PHE A 220 9.12 1.88 12.71
CA PHE A 220 7.74 2.25 12.96
C PHE A 220 7.54 3.13 14.19
N ASN A 221 8.63 3.75 14.65
CA ASN A 221 8.54 4.70 15.75
C ASN A 221 7.94 6.01 15.27
N PRO A 222 7.08 6.62 16.08
CA PRO A 222 6.43 7.87 15.71
C PRO A 222 7.42 9.02 15.57
N MET B 3 -23.61 19.41 12.87
CA MET B 3 -23.85 19.82 14.27
C MET B 3 -22.69 20.70 14.73
N ARG B 4 -22.81 21.24 15.92
CA ARG B 4 -21.87 22.26 16.39
C ARG B 4 -20.50 21.66 16.73
N ASN B 5 -20.44 20.36 16.95
CA ASN B 5 -19.10 19.84 17.31
C ASN B 5 -18.19 19.55 16.09
N GLU B 6 -18.73 19.86 14.90
CA GLU B 6 -18.07 19.54 13.61
C GLU B 6 -17.17 20.67 13.11
N VAL B 7 -16.07 20.30 12.43
CA VAL B 7 -15.20 21.35 11.87
C VAL B 7 -14.79 20.97 10.47
N GLN B 8 -15.04 21.86 9.51
CA GLN B 8 -14.69 21.59 8.13
C GLN B 8 -13.68 22.66 7.76
N PHE B 9 -12.53 22.20 7.29
CA PHE B 9 -11.49 23.10 6.88
C PHE B 9 -10.72 22.61 5.66
N GLU B 10 -9.99 23.51 5.04
CA GLU B 10 -9.12 23.18 3.91
C GLU B 10 -7.69 23.41 4.37
N LEU B 11 -6.78 22.71 3.73
CA LEU B 11 -5.38 22.69 4.15
C LEU B 11 -4.53 22.76 2.86
N PHE B 12 -3.56 23.66 2.84
CA PHE B 12 -2.74 23.87 1.62
C PHE B 12 -1.29 23.76 2.03
N GLY B 13 -0.45 23.24 1.13
CA GLY B 13 0.99 23.22 1.34
C GLY B 13 1.71 23.10 -0.02
N ASP B 14 2.83 23.82 -0.15
CA ASP B 14 3.67 23.71 -1.32
C ASP B 14 4.28 22.30 -1.36
N TYR B 15 4.66 21.81 -0.18
CA TYR B 15 5.18 20.46 -0.01
C TYR B 15 4.59 19.80 1.24
N ALA B 16 4.51 18.48 1.20
CA ALA B 16 4.22 17.71 2.41
C ALA B 16 5.12 16.46 2.51
N LEU B 17 5.32 15.99 3.73
CA LEU B 17 6.01 14.72 3.89
C LEU B 17 5.36 13.90 5.02
N PHE B 18 4.48 12.99 4.65
CA PHE B 18 3.87 12.04 5.62
C PHE B 18 4.67 10.72 5.47
N THR B 19 5.73 10.59 6.26
CA THR B 19 6.67 9.52 6.08
C THR B 19 6.02 8.16 6.01
N ASP B 20 6.29 7.44 4.92
CA ASP B 20 5.99 6.00 4.83
C ASP B 20 7.08 5.23 5.62
N PRO B 21 6.71 4.66 6.78
CA PRO B 21 7.78 4.09 7.69
C PRO B 21 8.58 2.98 7.02
N LEU B 22 7.98 2.25 6.05
CA LEU B 22 8.71 1.17 5.35
C LEU B 22 9.89 1.65 4.50
N THR B 23 9.84 2.92 4.08
CA THR B 23 10.86 3.53 3.25
C THR B 23 12.07 4.01 4.03
N LYS B 24 11.94 4.10 5.34
CA LYS B 24 13.06 4.41 6.22
C LYS B 24 14.04 3.28 6.31
N ILE B 25 13.63 2.09 5.86
CA ILE B 25 14.51 0.92 5.74
C ILE B 25 15.86 1.28 5.09
N GLY B 26 15.81 2.02 3.99
CA GLY B 26 17.04 2.47 3.33
C GLY B 26 17.58 3.78 3.85
N GLY B 27 17.13 4.22 5.02
CA GLY B 27 17.74 5.40 5.64
C GLY B 27 17.41 6.78 5.07
N GLU B 28 16.45 6.86 4.16
CA GLU B 28 15.96 8.16 3.69
C GLU B 28 14.51 8.24 4.12
N LYS B 29 13.68 8.96 3.35
CA LYS B 29 12.25 8.93 3.62
C LYS B 29 11.51 9.21 2.34
N LEU B 30 10.42 8.49 2.11
CA LEU B 30 9.46 8.84 1.04
C LEU B 30 8.11 9.08 1.71
N SER B 31 7.40 10.09 1.25
CA SER B 31 6.05 10.35 1.75
C SER B 31 5.05 9.29 1.25
N TYR B 32 4.03 9.04 2.06
CA TYR B 32 2.78 8.42 1.62
C TYR B 32 2.15 9.29 0.56
N SER B 33 1.29 8.72 -0.26
CA SER B 33 0.53 9.48 -1.27
C SER B 33 -0.43 10.51 -0.68
N VAL B 34 -0.86 10.30 0.55
CA VAL B 34 -1.92 11.13 1.17
C VAL B 34 -1.62 11.26 2.67
N PRO B 35 -2.21 12.28 3.34
CA PRO B 35 -2.06 12.41 4.80
C PRO B 35 -2.54 11.18 5.58
N THR B 36 -1.85 10.83 6.68
CA THR B 36 -2.39 9.88 7.60
C THR B 36 -3.40 10.51 8.54
N TYR B 37 -4.24 9.69 9.13
CA TYR B 37 -5.16 10.12 10.21
C TYR B 37 -4.42 10.91 11.28
N GLN B 38 -3.34 10.34 11.84
CA GLN B 38 -2.72 11.02 12.98
C GLN B 38 -2.14 12.43 12.54
N ALA B 39 -1.67 12.57 11.29
CA ALA B 39 -1.14 13.88 10.82
C ALA B 39 -2.30 14.90 10.78
N LEU B 40 -3.43 14.42 10.25
CA LEU B 40 -4.61 15.28 10.21
C LEU B 40 -5.11 15.71 11.60
N LYS B 41 -5.06 14.76 12.56
CA LYS B 41 -5.49 15.03 13.91
C LYS B 41 -4.53 16.08 14.56
N GLY B 42 -3.22 15.96 14.32
CA GLY B 42 -2.24 16.95 14.78
C GLY B 42 -2.43 18.35 14.22
N ILE B 43 -2.83 18.41 12.95
CA ILE B 43 -3.18 19.70 12.29
C ILE B 43 -4.41 20.30 12.93
N ALA B 44 -5.44 19.50 13.16
CA ALA B 44 -6.67 20.01 13.83
C ALA B 44 -6.33 20.54 15.20
N GLU B 45 -5.40 19.88 15.90
CA GLU B 45 -5.07 20.36 17.23
C GLU B 45 -4.30 21.68 17.13
N SER B 46 -3.60 21.96 16.01
CA SER B 46 -2.89 23.21 15.81
C SER B 46 -3.87 24.36 15.66
N ILE B 47 -5.06 24.03 15.20
CA ILE B 47 -6.11 25.03 15.07
C ILE B 47 -6.54 25.55 16.47
N TYR B 48 -6.92 24.59 17.32
CA TYR B 48 -7.33 24.82 18.69
C TYR B 48 -7.38 23.49 19.42
N TRP B 49 -6.97 23.47 20.68
CA TRP B 49 -6.98 22.23 21.43
C TRP B 49 -6.90 22.52 22.92
N LYS B 50 -7.72 21.79 23.68
CA LYS B 50 -7.64 21.71 25.14
C LYS B 50 -7.82 20.23 25.50
N PRO B 51 -7.19 19.79 26.65
CA PRO B 51 -7.32 18.38 27.02
C PRO B 51 -8.76 17.94 27.37
N THR B 52 -9.70 18.88 27.44
CA THR B 52 -11.09 18.56 27.71
C THR B 52 -11.65 17.80 26.51
N ILE B 53 -11.09 18.08 25.34
CA ILE B 53 -11.65 17.53 24.11
C ILE B 53 -10.66 16.61 23.36
N VAL B 54 -11.18 15.84 22.42
CA VAL B 54 -10.36 15.01 21.53
C VAL B 54 -10.90 15.16 20.11
N PHE B 55 -9.99 15.29 19.13
CA PHE B 55 -10.48 15.36 17.73
C PHE B 55 -10.59 13.97 17.14
N VAL B 56 -11.61 13.76 16.30
CA VAL B 56 -11.75 12.57 15.53
C VAL B 56 -11.83 13.06 14.08
N ILE B 57 -11.01 12.50 13.17
CA ILE B 57 -11.08 12.89 11.78
C ILE B 57 -12.05 11.93 11.11
N ASP B 58 -13.04 12.50 10.40
CA ASP B 58 -14.00 11.68 9.72
C ASP B 58 -13.64 11.41 8.26
N GLU B 59 -13.27 12.44 7.51
CA GLU B 59 -13.14 12.30 6.06
C GLU B 59 -12.12 13.23 5.53
N LEU B 60 -11.46 12.85 4.42
CA LEU B 60 -10.43 13.70 3.76
C LEU B 60 -10.77 13.70 2.26
N ARG B 61 -10.66 14.86 1.60
CA ARG B 61 -10.80 14.96 0.18
C ARG B 61 -9.52 15.50 -0.37
N VAL B 62 -8.91 14.73 -1.29
CA VAL B 62 -7.65 15.10 -1.99
C VAL B 62 -8.04 15.91 -3.27
N MET B 63 -7.68 17.19 -3.25
CA MET B 63 -8.18 18.14 -4.31
C MET B 63 -7.22 18.25 -5.52
N LYS B 64 -5.93 18.01 -5.27
CA LYS B 64 -4.89 18.16 -6.31
C LYS B 64 -4.24 16.78 -6.64
N PRO B 65 -3.74 16.63 -7.89
CA PRO B 65 -3.18 15.34 -8.36
C PRO B 65 -2.00 15.00 -7.44
N ILE B 66 -1.92 13.76 -7.04
CA ILE B 66 -0.79 13.26 -6.27
C ILE B 66 0.48 13.37 -7.15
N GLN B 67 1.49 14.01 -6.62
CA GLN B 67 2.78 14.12 -7.36
C GLN B 67 3.92 14.24 -6.38
N MET B 68 5.04 13.63 -6.75
CA MET B 68 6.18 13.45 -5.83
C MET B 68 7.38 14.23 -6.39
N GLU B 69 8.23 14.72 -5.52
CA GLU B 69 9.50 15.32 -5.92
C GLU B 69 10.59 14.95 -4.94
N SER B 70 11.67 14.39 -5.47
CA SER B 70 12.83 14.11 -4.66
C SER B 70 13.66 15.38 -4.50
N LYS B 71 14.20 15.64 -3.31
CA LYS B 71 15.00 16.80 -3.01
C LYS B 71 16.18 16.34 -2.15
N GLY B 72 17.35 16.94 -2.37
CA GLY B 72 18.47 16.75 -1.45
C GLY B 72 18.19 17.46 -0.15
N VAL B 73 18.61 16.87 0.96
CA VAL B 73 18.34 17.39 2.30
C VAL B 73 19.53 16.99 3.18
N ARG B 74 19.72 17.65 4.33
CA ARG B 74 20.63 17.19 5.38
C ARG B 74 19.81 16.90 6.65
N PRO B 75 19.55 15.61 6.94
CA PRO B 75 18.74 15.27 8.13
C PRO B 75 19.38 15.72 9.47
N ILE B 76 18.54 15.91 10.49
CA ILE B 76 18.94 16.49 11.80
C ILE B 76 19.32 15.42 12.84
N LEU B 84 24.50 13.87 3.89
CA LEU B 84 23.43 14.24 2.95
C LEU B 84 22.54 13.03 2.47
N ALA B 85 21.29 13.30 2.08
CA ALA B 85 20.35 12.30 1.66
C ALA B 85 19.34 12.91 0.67
N HIS B 86 18.38 12.11 0.18
CA HIS B 86 17.25 12.62 -0.66
C HIS B 86 15.97 12.16 -0.02
N TYR B 87 15.06 13.09 0.28
CA TYR B 87 13.72 12.77 0.76
C TYR B 87 12.76 13.04 -0.40
N THR B 88 11.71 12.22 -0.56
CA THR B 88 10.68 12.44 -1.62
C THR B 88 9.41 13.01 -0.99
N TYR B 89 9.11 14.25 -1.36
CA TYR B 89 7.97 15.00 -0.82
C TYR B 89 6.82 14.94 -1.78
N LEU B 90 5.61 15.00 -1.21
CA LEU B 90 4.44 15.35 -2.00
C LEU B 90 4.56 16.82 -2.44
N LYS B 91 4.06 17.21 -3.65
CA LYS B 91 4.23 18.54 -4.14
C LYS B 91 2.88 19.12 -4.51
N ASP B 92 2.61 20.38 -4.04
CA ASP B 92 1.43 21.18 -4.42
C ASP B 92 0.12 20.44 -3.98
N VAL B 93 -0.13 20.46 -2.68
CA VAL B 93 -1.25 19.69 -2.15
C VAL B 93 -2.33 20.65 -1.64
N HIS B 94 -3.56 20.15 -1.66
CA HIS B 94 -4.73 20.89 -1.18
C HIS B 94 -5.74 19.86 -0.74
N TYR B 95 -6.23 19.97 0.49
CA TYR B 95 -7.15 18.96 1.04
C TYR B 95 -8.32 19.67 1.66
N GLN B 96 -9.50 19.04 1.62
CA GLN B 96 -10.58 19.47 2.50
C GLN B 96 -10.66 18.39 3.57
N VAL B 97 -10.93 18.78 4.83
CA VAL B 97 -11.02 17.87 5.93
C VAL B 97 -12.31 18.06 6.73
N LYS B 98 -12.95 16.94 7.07
CA LYS B 98 -14.09 16.92 7.93
C LYS B 98 -13.72 16.20 9.19
N ALA B 99 -13.85 16.90 10.32
CA ALA B 99 -13.55 16.35 11.62
C ALA B 99 -14.61 16.77 12.64
N HIS B 100 -14.48 16.27 13.87
CA HIS B 100 -15.33 16.74 14.91
C HIS B 100 -14.60 16.54 16.23
N PHE B 101 -15.00 17.28 17.29
CA PHE B 101 -14.43 17.02 18.65
C PHE B 101 -15.45 16.24 19.51
N GLU B 102 -14.94 15.51 20.50
CA GLU B 102 -15.75 14.79 21.45
C GLU B 102 -15.02 15.04 22.74
N PHE B 103 -15.65 14.70 23.84
CA PHE B 103 -15.11 15.01 25.12
C PHE B 103 -14.20 13.88 25.47
N ASN B 104 -13.11 14.21 26.10
CA ASN B 104 -12.05 13.28 26.41
C ASN B 104 -12.42 12.54 27.71
N LEU B 105 -12.96 11.32 27.58
CA LEU B 105 -13.45 10.57 28.78
C LEU B 105 -12.30 10.05 29.67
N HIS B 106 -11.06 10.16 29.18
CA HIS B 106 -9.87 9.91 30.01
C HIS B 106 -9.57 11.03 30.95
N ARG B 107 -10.29 12.14 30.82
CA ARG B 107 -10.13 13.22 31.81
C ARG B 107 -11.47 13.53 32.55
N PRO B 108 -11.92 12.64 33.44
CA PRO B 108 -13.13 12.94 34.18
C PRO B 108 -13.04 14.21 35.05
N ASP B 109 -11.82 14.65 35.40
CA ASP B 109 -11.61 15.91 36.19
C ASP B 109 -12.03 17.17 35.38
N LEU B 110 -12.16 17.02 34.08
CA LEU B 110 -12.52 18.18 33.25
C LEU B 110 -13.96 18.12 32.83
N ALA B 111 -14.79 17.31 33.50
CA ALA B 111 -16.23 17.27 33.14
C ALA B 111 -16.88 18.66 33.23
N PHE B 112 -16.44 19.49 34.19
CA PHE B 112 -16.99 20.86 34.41
C PHE B 112 -16.83 21.74 33.17
N ASP B 113 -15.87 21.38 32.28
CA ASP B 113 -15.51 22.16 31.08
C ASP B 113 -16.08 21.55 29.77
N ARG B 114 -16.82 20.46 29.89
CA ARG B 114 -17.45 19.82 28.73
C ARG B 114 -18.61 20.60 28.18
N ASN B 115 -18.28 21.74 27.56
CA ASN B 115 -19.29 22.73 27.13
C ASN B 115 -19.16 22.83 25.63
N GLU B 116 -20.13 22.23 24.92
CA GLU B 116 -20.09 22.22 23.45
C GLU B 116 -20.03 23.66 22.92
N GLY B 117 -20.87 24.57 23.43
CA GLY B 117 -20.89 25.96 22.92
C GLY B 117 -19.61 26.75 23.09
N LYS B 118 -18.91 26.55 24.18
CA LYS B 118 -17.64 27.15 24.42
C LYS B 118 -16.60 26.69 23.38
N HIS B 119 -16.31 25.37 23.39
CA HIS B 119 -15.31 24.81 22.48
C HIS B 119 -15.67 25.04 21.02
N TYR B 120 -16.91 24.87 20.66
CA TYR B 120 -17.31 25.14 19.26
C TYR B 120 -17.04 26.59 18.89
N SER B 121 -17.42 27.54 19.75
CA SER B 121 -17.28 28.96 19.37
C SER B 121 -15.77 29.35 19.24
N ILE B 122 -14.90 28.86 20.16
CA ILE B 122 -13.51 29.20 20.15
C ILE B 122 -12.78 28.53 18.98
N LEU B 123 -13.11 27.25 18.71
CA LEU B 123 -12.58 26.50 17.60
C LEU B 123 -12.95 27.23 16.29
N GLN B 124 -14.21 27.68 16.16
CA GLN B 124 -14.61 28.35 14.89
C GLN B 124 -13.89 29.73 14.74
N ARG B 125 -13.80 30.48 15.84
CA ARG B 125 -13.02 31.72 15.86
C ARG B 125 -11.56 31.46 15.47
N SER B 126 -10.87 30.50 16.13
CA SER B 126 -9.52 30.18 15.79
C SER B 126 -9.36 29.75 14.27
N LEU B 127 -10.30 28.95 13.75
CA LEU B 127 -10.19 28.48 12.36
C LEU B 127 -10.35 29.63 11.39
N LYS B 128 -11.25 30.55 11.72
CA LYS B 128 -11.45 31.81 10.88
C LYS B 128 -10.14 32.63 10.83
N ALA B 129 -9.32 32.52 11.88
CA ALA B 129 -8.03 33.19 12.00
C ALA B 129 -6.83 32.32 11.54
N GLY B 130 -7.08 31.14 10.99
CA GLY B 130 -6.06 30.26 10.44
C GLY B 130 -5.37 29.46 11.50
N GLY B 131 -5.98 29.44 12.69
CA GLY B 131 -5.49 28.57 13.78
C GLY B 131 -4.53 29.24 14.70
N ARG B 132 -4.28 28.62 15.84
CA ARG B 132 -3.49 29.18 16.94
C ARG B 132 -2.02 28.86 16.85
N ARG B 133 -1.69 27.74 16.19
CA ARG B 133 -0.27 27.32 16.08
C ARG B 133 0.11 27.13 14.60
N ASP B 134 1.41 27.10 14.31
CA ASP B 134 1.87 26.92 12.94
C ASP B 134 1.36 25.59 12.38
N ILE B 135 1.09 25.57 11.08
CA ILE B 135 0.54 24.40 10.39
C ILE B 135 1.66 23.71 9.60
N PHE B 136 2.02 22.48 10.01
CA PHE B 136 3.07 21.70 9.30
C PHE B 136 2.42 20.46 8.65
N LEU B 137 2.73 20.15 7.38
CA LEU B 137 2.21 18.96 6.70
C LEU B 137 3.18 17.80 6.79
N GLY B 138 3.30 17.25 8.01
CA GLY B 138 4.11 16.05 8.21
C GLY B 138 5.50 16.33 8.65
N ALA B 139 6.08 17.48 8.31
CA ALA B 139 7.48 17.79 8.66
C ALA B 139 7.62 19.30 8.88
N ARG B 140 8.56 19.69 9.73
CA ARG B 140 8.80 21.14 10.04
C ARG B 140 9.11 21.96 8.77
N GLU B 141 9.76 21.34 7.79
CA GLU B 141 10.18 22.05 6.59
C GLU B 141 9.02 22.12 5.60
N CYS B 142 7.85 21.63 6.02
CA CYS B 142 6.65 21.63 5.15
C CYS B 142 5.51 22.47 5.77
N GLN B 143 5.75 23.76 5.98
CA GLN B 143 4.75 24.59 6.57
C GLN B 143 3.70 24.89 5.50
N GLY B 144 2.46 25.06 5.96
CA GLY B 144 1.38 25.46 5.06
C GLY B 144 0.37 26.31 5.84
N TYR B 145 -0.91 26.23 5.51
CA TYR B 145 -1.92 26.96 6.29
C TYR B 145 -3.29 26.29 6.18
N VAL B 146 -4.21 26.75 7.01
CA VAL B 146 -5.58 26.17 7.04
C VAL B 146 -6.59 27.32 6.89
N ALA B 147 -7.78 26.98 6.48
CA ALA B 147 -8.89 27.97 6.35
C ALA B 147 -10.29 27.27 6.48
N PRO B 148 -11.32 28.04 6.91
CA PRO B 148 -12.66 27.46 6.89
C PRO B 148 -13.05 27.08 5.45
N CYS B 149 -13.77 25.97 5.27
CA CYS B 149 -14.17 25.55 3.92
C CYS B 149 -15.32 24.56 4.07
N GLU B 150 -16.32 24.65 3.23
CA GLU B 150 -17.42 23.76 3.20
C GLU B 150 -16.95 22.44 2.53
N PHE B 151 -16.95 21.35 3.30
CA PHE B 151 -16.48 20.06 2.82
C PHE B 151 -17.29 19.60 1.62
N GLY B 152 -16.62 19.31 0.51
CA GLY B 152 -17.26 18.80 -0.66
C GLY B 152 -17.47 19.95 -1.64
N SER B 153 -17.19 21.20 -1.25
CA SER B 153 -17.41 22.32 -2.22
C SER B 153 -16.29 22.49 -3.23
N GLY B 154 -16.65 23.00 -4.42
CA GLY B 154 -15.63 23.18 -5.45
C GLY B 154 -15.20 21.92 -6.21
N ASP B 155 -14.47 22.10 -7.31
CA ASP B 155 -14.06 20.97 -8.20
C ASP B 155 -12.75 20.43 -7.71
N GLY B 156 -12.60 19.13 -7.68
CA GLY B 156 -11.30 18.54 -7.29
C GLY B 156 -10.82 17.59 -8.39
N PHE B 157 -9.52 17.34 -8.43
CA PHE B 157 -8.89 16.60 -9.51
C PHE B 157 -9.45 15.16 -9.63
N TYR B 158 -9.86 14.57 -8.49
CA TYR B 158 -10.25 13.16 -8.46
C TYR B 158 -11.78 13.00 -8.56
N ASP B 159 -12.48 14.12 -8.81
CA ASP B 159 -13.93 14.00 -8.94
C ASP B 159 -14.22 12.95 -10.00
N GLY B 160 -15.13 12.03 -9.70
CA GLY B 160 -15.52 10.97 -10.67
C GLY B 160 -14.44 9.94 -11.06
N GLN B 161 -13.33 9.94 -10.36
CA GLN B 161 -12.21 9.10 -10.70
C GLN B 161 -12.29 7.69 -10.06
N GLY B 162 -13.34 7.37 -9.29
CA GLY B 162 -13.54 6.00 -8.84
C GLY B 162 -12.61 5.62 -7.70
N LYS B 163 -12.34 4.34 -7.53
CA LYS B 163 -11.71 3.84 -6.29
C LYS B 163 -10.21 3.64 -6.51
N TYR B 164 -9.38 4.28 -5.69
CA TYR B 164 -7.94 4.15 -5.76
C TYR B 164 -7.50 3.42 -4.49
N HIS B 165 -6.86 2.28 -4.65
CA HIS B 165 -6.41 1.48 -3.48
C HIS B 165 -5.03 1.89 -3.07
N LEU B 166 -4.93 2.74 -2.03
CA LEU B 166 -3.64 3.39 -1.68
C LEU B 166 -2.79 2.52 -0.81
N GLY B 167 -3.33 1.36 -0.46
CA GLY B 167 -2.57 0.37 0.32
C GLY B 167 -2.61 0.54 1.83
N THR B 168 -1.85 -0.28 2.49
CA THR B 168 -1.77 -0.24 3.92
C THR B 168 -1.09 1.03 4.43
N MET B 169 -1.73 1.73 5.37
CA MET B 169 -1.13 2.99 5.89
C MET B 169 -1.20 3.02 7.41
N VAL B 170 -0.23 3.69 8.04
CA VAL B 170 -0.34 4.02 9.45
C VAL B 170 -1.60 4.88 9.63
N HIS B 171 -2.43 4.53 10.63
CA HIS B 171 -3.56 5.34 11.06
C HIS B 171 -3.09 6.23 12.21
N GLY B 172 -2.44 5.64 13.24
CA GLY B 172 -1.86 6.46 14.30
C GLY B 172 -1.32 5.56 15.35
N PHE B 173 -1.16 6.09 16.55
CA PHE B 173 -0.57 5.33 17.66
C PHE B 173 -1.47 5.37 18.91
N ASN B 174 -1.50 4.24 19.63
CA ASN B 174 -2.15 4.13 20.95
C ASN B 174 -1.03 4.21 21.99
N TYR B 175 -0.94 5.28 22.76
CA TYR B 175 0.21 5.51 23.70
C TYR B 175 0.10 4.77 25.03
N HIS B 182 -0.58 -2.11 29.61
CA HIS B 182 -0.45 -1.87 28.15
C HIS B 182 0.94 -1.44 27.61
N GLN B 183 1.02 -1.14 26.35
CA GLN B 183 2.26 -0.65 25.68
C GLN B 183 1.93 0.27 24.48
N LEU B 184 2.95 0.78 23.79
CA LEU B 184 2.77 1.61 22.57
C LEU B 184 2.49 0.73 21.31
N ASP B 185 1.28 0.86 20.79
CA ASP B 185 0.85 0.06 19.64
C ASP B 185 0.70 0.99 18.44
N VAL B 186 0.84 0.44 17.25
CA VAL B 186 0.53 1.20 16.04
C VAL B 186 -0.71 0.65 15.41
N ARG B 187 -1.54 1.53 14.85
CA ARG B 187 -2.76 1.14 14.14
C ARG B 187 -2.56 1.29 12.65
N LEU B 188 -2.94 0.25 11.88
CA LEU B 188 -2.87 0.30 10.40
C LEU B 188 -4.23 0.05 9.81
N TRP B 189 -4.44 0.46 8.55
CA TRP B 189 -5.66 0.15 7.86
C TRP B 189 -5.40 0.21 6.38
N SER B 190 -6.31 -0.32 5.57
CA SER B 190 -6.18 -0.28 4.13
C SER B 190 -6.88 0.94 3.59
N ALA B 191 -6.08 1.94 3.21
CA ALA B 191 -6.61 3.22 2.76
C ALA B 191 -7.17 3.12 1.35
N VAL B 192 -8.40 3.57 1.19
CA VAL B 192 -9.11 3.58 -0.14
C VAL B 192 -9.60 5.01 -0.36
N MET B 193 -9.36 5.51 -1.57
CA MET B 193 -9.84 6.83 -1.93
C MET B 193 -10.84 6.66 -3.07
N GLU B 194 -12.03 7.24 -2.94
CA GLU B 194 -13.10 7.03 -3.92
C GLU B 194 -13.60 8.37 -4.40
N ASN B 195 -13.39 8.65 -5.68
CA ASN B 195 -13.71 9.99 -6.24
C ASN B 195 -13.02 11.08 -5.44
N GLY B 196 -11.76 10.83 -5.02
CA GLY B 196 -11.00 11.75 -4.14
C GLY B 196 -11.29 11.77 -2.63
N TYR B 197 -12.29 11.01 -2.17
CA TYR B 197 -12.70 11.06 -0.75
C TYR B 197 -12.16 9.84 0.00
N ILE B 198 -11.71 10.04 1.20
CA ILE B 198 -11.21 8.97 2.07
C ILE B 198 -11.95 8.99 3.42
N GLN B 199 -12.66 7.89 3.77
CA GLN B 199 -13.47 7.86 5.02
C GLN B 199 -12.63 7.10 6.00
N PHE B 200 -12.27 7.74 7.11
CA PHE B 200 -11.42 7.03 8.15
C PHE B 200 -12.21 6.23 9.14
N PRO B 201 -11.70 5.01 9.49
CA PRO B 201 -12.31 4.32 10.61
C PRO B 201 -11.93 5.11 11.88
N ARG B 202 -12.71 5.02 12.94
CA ARG B 202 -12.29 5.49 14.26
C ARG B 202 -11.08 4.69 14.72
N PRO B 203 -10.23 5.27 15.58
CA PRO B 203 -9.08 4.54 16.09
C PRO B 203 -9.39 3.14 16.66
N GLU B 204 -10.47 3.00 17.43
CA GLU B 204 -10.88 1.69 18.03
C GLU B 204 -11.33 0.68 16.99
N ASP B 205 -11.66 1.14 15.79
CA ASP B 205 -12.17 0.27 14.77
C ASP B 205 -11.11 -0.13 13.78
N CYS B 206 -9.85 0.32 13.98
CA CYS B 206 -8.76 -0.08 13.06
C CYS B 206 -8.52 -1.59 13.06
N PRO B 207 -8.31 -2.19 11.84
CA PRO B 207 -8.24 -3.64 11.71
C PRO B 207 -6.92 -4.21 12.24
N ILE B 208 -5.83 -3.46 12.20
CA ILE B 208 -4.54 -3.98 12.67
C ILE B 208 -4.03 -3.06 13.73
N VAL B 209 -3.86 -3.61 14.91
CA VAL B 209 -3.27 -2.85 15.98
C VAL B 209 -2.24 -3.74 16.64
N ARG B 210 -0.95 -3.40 16.52
CA ARG B 210 0.15 -4.29 17.01
C ARG B 210 1.16 -3.51 17.84
N PRO B 211 1.74 -4.15 18.87
CA PRO B 211 2.85 -3.46 19.56
C PRO B 211 3.96 -3.06 18.59
N VAL B 212 4.49 -1.86 18.73
CA VAL B 212 5.63 -1.46 17.89
C VAL B 212 6.79 -2.50 17.84
N LYS B 213 6.98 -3.29 18.90
CA LYS B 213 7.88 -4.46 18.85
C LYS B 213 7.28 -5.58 17.99
N GLU B 216 9.48 -5.93 13.29
CA GLU B 216 10.13 -7.22 13.51
C GLU B 216 10.47 -7.92 12.17
N PRO B 217 11.79 -8.08 11.89
CA PRO B 217 12.38 -8.71 10.69
C PRO B 217 11.58 -9.88 10.06
N LYS B 218 10.77 -10.56 10.87
CA LYS B 218 10.09 -11.81 10.49
C LYS B 218 8.80 -11.58 9.66
N ILE B 219 8.43 -10.31 9.42
CA ILE B 219 7.27 -9.95 8.50
C ILE B 219 7.48 -10.43 7.04
N PHE B 220 8.75 -10.45 6.61
CA PHE B 220 9.13 -10.85 5.25
C PHE B 220 9.30 -12.35 4.99
N ASN B 221 8.84 -12.78 3.82
CA ASN B 221 9.11 -14.14 3.30
C ASN B 221 8.33 -15.19 4.07
N VAL B 225 5.25 -20.21 -1.45
CA VAL B 225 3.80 -19.98 -1.25
C VAL B 225 3.33 -20.63 0.08
N GLN B 226 2.45 -19.93 0.81
CA GLN B 226 1.89 -20.42 2.07
C GLN B 226 0.51 -21.03 1.85
N SER B 227 -0.07 -21.66 2.88
CA SER B 227 -1.40 -22.24 2.71
C SER B 227 -2.24 -22.16 3.97
N ALA B 228 -3.52 -22.02 3.70
CA ALA B 228 -4.49 -22.06 4.75
C ALA B 228 -5.74 -22.80 4.30
N GLU B 229 -6.28 -23.61 5.19
CA GLU B 229 -7.50 -24.41 4.90
C GLU B 229 -8.74 -23.50 4.87
N GLN B 230 -9.68 -23.83 4.00
CA GLN B 230 -10.83 -22.96 3.77
C GLN B 230 -12.14 -23.57 4.36
N LEU B 231 -13.11 -22.71 4.69
CA LEU B 231 -14.45 -23.19 5.11
C LEU B 231 -15.24 -23.79 3.97
N LEU B 232 -14.89 -23.47 2.73
CA LEU B 232 -15.55 -23.95 1.51
C LEU B 232 -14.59 -23.82 0.34
N HIS B 233 -14.77 -24.69 -0.69
CA HIS B 233 -13.97 -24.57 -1.94
C HIS B 233 -14.44 -23.36 -2.72
N ASP B 234 -13.59 -22.78 -3.59
CA ASP B 234 -14.08 -21.72 -4.48
C ASP B 234 -14.34 -22.34 -5.84
N LEU B 235 -15.21 -21.72 -6.62
CA LEU B 235 -15.37 -22.04 -8.07
C LEU B 235 -16.10 -20.91 -8.81
N GLY B 236 -16.66 -21.16 -10.00
CA GLY B 236 -17.36 -20.09 -10.74
C GLY B 236 -18.37 -20.61 -11.74
#